data_6BN1
#
_entry.id   6BN1
#
_cell.length_a   49.934
_cell.length_b   49.934
_cell.length_c   186.169
_cell.angle_alpha   90.00
_cell.angle_beta   90.00
_cell.angle_gamma   90.00
#
_symmetry.space_group_name_H-M   'P 43 2 2'
#
loop_
_entity.id
_entity.type
_entity.pdbx_description
1 polymer 'Serine/threonine-protein kinase hippo'
2 polymer 'Scaffold protein salvador'
3 non-polymer (4S)-2-METHYL-2,4-PENTANEDIOL
4 non-polymer 'NICKEL (II) ION'
5 water water
#
loop_
_entity_poly.entity_id
_entity_poly.type
_entity_poly.pdbx_seq_one_letter_code
_entity_poly.pdbx_strand_id
1 'polypeptide(L)' GEFEFLKFLTFDDLNQRLCNIDHEMELEIEQLNKKYNAKRQPIVDAMNAKRKRQQNI A
2 'polypeptide(L)' LLEEIPKWLAVYSEADSSKDHLLQFNMFSLPELEGFDSMLVRLFKQELGTIVGFYERYRRALILEKNRRA B
#
loop_
_chem_comp.id
_chem_comp.type
_chem_comp.name
_chem_comp.formula
MPD non-polymer (4S)-2-METHYL-2,4-PENTANEDIOL 'C6 H14 O2'
NI non-polymer 'NICKEL (II) ION' 'Ni 2'
#
# COMPACT_ATOMS: atom_id res chain seq x y z
N GLY A 1 -10.19 -20.89 -10.39
CA GLY A 1 -9.04 -20.04 -10.60
C GLY A 1 -8.43 -19.52 -9.31
N GLU A 2 -8.40 -18.19 -9.16
CA GLU A 2 -7.78 -17.58 -8.00
C GLU A 2 -8.49 -17.96 -6.71
N PHE A 3 -9.80 -18.16 -6.80
CA PHE A 3 -10.61 -18.41 -5.63
C PHE A 3 -11.33 -19.74 -5.71
N GLU A 4 -10.64 -20.75 -6.20
CA GLU A 4 -11.22 -22.07 -6.40
C GLU A 4 -11.70 -22.68 -5.09
N PHE A 5 -10.99 -22.36 -4.01
CA PHE A 5 -11.25 -22.95 -2.71
C PHE A 5 -12.65 -22.61 -2.18
N LEU A 6 -13.26 -21.54 -2.72
CA LEU A 6 -14.60 -21.15 -2.32
C LEU A 6 -15.66 -22.22 -2.66
N LYS A 7 -15.31 -23.11 -3.59
CA LYS A 7 -16.22 -24.16 -3.99
C LYS A 7 -16.30 -25.23 -2.91
N PHE A 8 -15.37 -25.21 -1.97
CA PHE A 8 -15.39 -26.16 -0.88
C PHE A 8 -16.10 -25.62 0.34
N LEU A 9 -16.44 -24.34 0.33
CA LEU A 9 -17.05 -23.73 1.49
C LEU A 9 -18.52 -24.05 1.59
N THR A 10 -19.04 -24.08 2.82
CA THR A 10 -20.47 -24.21 3.00
C THR A 10 -21.14 -22.91 2.61
N PHE A 11 -22.43 -22.94 2.40
CA PHE A 11 -23.12 -21.73 2.01
C PHE A 11 -22.93 -20.60 3.03
N ASP A 12 -22.89 -20.99 4.31
CA ASP A 12 -22.78 -20.03 5.39
C ASP A 12 -21.40 -19.43 5.44
N ASP A 13 -20.39 -20.27 5.23
CA ASP A 13 -19.02 -19.83 5.16
C ASP A 13 -18.87 -18.70 4.12
N LEU A 14 -19.51 -18.85 2.97
CA LEU A 14 -19.46 -17.80 1.95
C LEU A 14 -20.07 -16.51 2.47
N ASN A 15 -21.28 -16.59 3.02
CA ASN A 15 -21.89 -15.41 3.62
C ASN A 15 -20.99 -14.78 4.70
N GLN A 16 -20.31 -15.61 5.48
CA GLN A 16 -19.52 -15.12 6.58
C GLN A 16 -18.34 -14.30 6.03
N ARG A 17 -17.82 -14.73 4.89
CA ARG A 17 -16.72 -14.05 4.25
C ARG A 17 -17.18 -12.73 3.64
N LEU A 18 -18.36 -12.75 3.03
CA LEU A 18 -18.98 -11.53 2.52
C LEU A 18 -19.31 -10.54 3.64
N CYS A 19 -19.52 -11.08 4.84
CA CYS A 19 -19.81 -10.28 6.01
C CYS A 19 -18.59 -9.45 6.41
N ASN A 20 -17.42 -10.07 6.32
CA ASN A 20 -16.19 -9.54 6.89
C ASN A 20 -15.36 -8.71 5.93
N ILE A 21 -15.75 -8.70 4.66
CA ILE A 21 -14.89 -8.21 3.60
C ILE A 21 -14.57 -6.68 3.71
N ASP A 22 -15.56 -5.85 3.96
CA ASP A 22 -15.33 -4.41 4.10
C ASP A 22 -14.32 -4.08 5.20
N HIS A 23 -14.64 -4.48 6.42
CA HIS A 23 -13.78 -4.26 7.57
C HIS A 23 -12.38 -4.77 7.31
N GLU A 24 -12.29 -5.94 6.70
CA GLU A 24 -10.99 -6.48 6.35
C GLU A 24 -10.20 -5.54 5.42
N MET A 25 -10.90 -4.83 4.54
CA MET A 25 -10.23 -3.93 3.64
C MET A 25 -9.78 -2.67 4.39
N GLU A 26 -10.65 -2.17 5.27
CA GLU A 26 -10.36 -0.97 6.04
C GLU A 26 -9.14 -1.16 6.93
N LEU A 27 -8.96 -2.35 7.48
CA LEU A 27 -7.76 -2.58 8.28
C LEU A 27 -6.53 -2.55 7.39
N GLU A 28 -6.67 -3.15 6.22
CA GLU A 28 -5.57 -3.26 5.26
C GLU A 28 -5.06 -1.87 4.82
N ILE A 29 -6.01 -0.99 4.55
CA ILE A 29 -5.72 0.35 4.08
C ILE A 29 -5.10 1.20 5.19
N GLU A 30 -5.58 1.02 6.42
CA GLU A 30 -5.03 1.70 7.58
C GLU A 30 -3.56 1.33 7.80
N GLN A 31 -3.26 0.04 7.74
CA GLN A 31 -1.89 -0.43 7.88
C GLN A 31 -1.00 0.12 6.75
N LEU A 32 -1.60 0.32 5.59
CA LEU A 32 -0.90 0.87 4.45
C LEU A 32 -0.59 2.36 4.66
N ASN A 33 -1.61 3.09 5.07
CA ASN A 33 -1.49 4.49 5.42
C ASN A 33 -0.44 4.72 6.49
N LYS A 34 -0.45 3.88 7.52
CA LYS A 34 0.53 4.03 8.59
C LYS A 34 1.93 3.77 8.03
N LYS A 35 2.04 2.76 7.18
CA LYS A 35 3.32 2.35 6.64
C LYS A 35 4.00 3.49 5.87
N TYR A 36 3.25 4.14 4.99
CA TYR A 36 3.86 5.11 4.10
C TYR A 36 4.10 6.44 4.80
N ASN A 37 3.20 6.81 5.70
CA ASN A 37 3.42 7.98 6.53
C ASN A 37 4.74 7.95 7.26
N ALA A 38 5.10 6.79 7.80
CA ALA A 38 6.34 6.67 8.56
C ALA A 38 7.54 6.62 7.64
N LYS A 39 7.30 6.25 6.38
CA LYS A 39 8.36 6.23 5.39
C LYS A 39 8.63 7.63 4.83
N ARG A 40 7.65 8.50 4.90
CA ARG A 40 7.75 9.84 4.36
C ARG A 40 8.35 10.82 5.35
N GLN A 41 8.05 10.61 6.63
CA GLN A 41 8.52 11.45 7.72
C GLN A 41 10.01 11.81 7.60
N PRO A 42 10.90 10.81 7.39
CA PRO A 42 12.32 11.14 7.21
C PRO A 42 12.57 12.15 6.09
N ILE A 43 11.84 11.99 5.00
CA ILE A 43 12.05 12.83 3.85
C ILE A 43 11.45 14.19 4.11
N VAL A 44 10.26 14.21 4.68
CA VAL A 44 9.55 15.44 4.96
C VAL A 44 10.31 16.27 6.01
N ASP A 45 10.85 15.60 7.03
CA ASP A 45 11.68 16.26 8.01
C ASP A 45 12.91 16.92 7.37
N ALA A 46 13.51 16.24 6.39
CA ALA A 46 14.71 16.78 5.74
C ALA A 46 14.38 18.06 4.96
N MET A 47 13.31 18.01 4.17
CA MET A 47 12.86 19.16 3.40
C MET A 47 12.60 20.36 4.32
N ASN A 48 11.97 20.12 5.46
CA ASN A 48 11.73 21.16 6.45
C ASN A 48 13.01 21.80 6.93
N ALA A 49 14.04 20.97 7.10
CA ALA A 49 15.34 21.44 7.53
C ALA A 49 16.02 22.23 6.42
N LYS A 50 15.86 21.79 5.17
CA LYS A 50 16.38 22.56 4.04
C LYS A 50 15.72 23.93 3.99
N ARG A 51 14.40 23.95 4.06
CA ARG A 51 13.62 25.19 4.02
C ARG A 51 13.98 26.17 5.15
N LYS A 52 14.37 25.64 6.30
CA LYS A 52 14.69 26.48 7.45
C LYS A 52 16.15 26.96 7.35
N ARG A 53 16.98 26.17 6.70
CA ARG A 53 18.42 26.41 6.56
C ARG A 53 18.71 27.46 5.48
N GLN A 54 17.77 27.63 4.56
CA GLN A 54 17.99 28.46 3.39
C GLN A 54 16.88 29.50 3.22
N LEU B 1 14.56 9.41 -18.11
CA LEU B 1 13.61 8.31 -18.20
C LEU B 1 12.22 8.70 -17.69
N LEU B 2 11.19 8.04 -18.24
CA LEU B 2 9.80 8.41 -17.99
C LEU B 2 9.24 7.92 -16.65
N GLU B 3 8.92 8.88 -15.78
CA GLU B 3 8.32 8.59 -14.48
C GLU B 3 9.18 7.64 -13.66
N GLU B 4 10.50 7.74 -13.79
CA GLU B 4 11.39 6.79 -13.12
C GLU B 4 11.26 6.80 -11.61
N ILE B 5 11.08 5.62 -11.04
CA ILE B 5 11.19 5.44 -9.60
C ILE B 5 12.37 4.52 -9.31
N PRO B 6 13.39 5.05 -8.64
CA PRO B 6 14.59 4.28 -8.34
C PRO B 6 14.30 3.03 -7.53
N LYS B 7 14.94 1.93 -7.91
CA LYS B 7 14.69 0.64 -7.28
C LYS B 7 14.91 0.71 -5.77
N TRP B 8 15.86 1.53 -5.35
CA TRP B 8 16.22 1.58 -3.94
C TRP B 8 15.04 2.12 -3.15
N LEU B 9 14.28 3.00 -3.79
CA LEU B 9 13.17 3.66 -3.10
C LEU B 9 12.09 2.65 -2.80
N ALA B 10 11.84 1.78 -3.76
CA ALA B 10 10.85 0.72 -3.59
C ALA B 10 11.26 -0.22 -2.45
N VAL B 11 12.53 -0.62 -2.44
CA VAL B 11 13.07 -1.45 -1.36
C VAL B 11 12.87 -0.78 -0.01
N TYR B 12 13.18 0.50 0.05
CA TYR B 12 13.04 1.29 1.26
C TYR B 12 11.64 1.24 1.84
N SER B 13 10.64 1.41 0.98
CA SER B 13 9.27 1.52 1.45
C SER B 13 8.76 0.17 1.99
N GLU B 14 9.31 -0.92 1.46
CA GLU B 14 8.93 -2.25 1.88
C GLU B 14 9.66 -2.74 3.13
N ALA B 15 10.72 -2.02 3.51
CA ALA B 15 11.53 -2.45 4.66
C ALA B 15 10.98 -1.88 5.96
N ASP B 16 11.59 -2.25 7.09
CA ASP B 16 11.13 -1.78 8.38
C ASP B 16 11.86 -0.51 8.80
N SER B 17 11.49 0.03 9.96
CA SER B 17 11.97 1.34 10.38
C SER B 17 13.35 1.33 11.03
N SER B 18 13.90 0.14 11.27
CA SER B 18 15.11 0.02 12.07
C SER B 18 16.30 0.81 11.54
N LYS B 19 16.56 0.76 10.24
CA LYS B 19 17.70 1.46 9.66
C LYS B 19 17.30 2.78 8.99
N ASP B 20 16.19 3.36 9.42
CA ASP B 20 15.71 4.63 8.86
C ASP B 20 16.71 5.78 9.08
N HIS B 21 17.10 5.91 10.34
CA HIS B 21 17.93 7.01 10.81
C HIS B 21 19.19 7.23 9.97
N LEU B 22 19.76 6.16 9.42
CA LEU B 22 21.07 6.27 8.77
C LEU B 22 20.96 6.77 7.33
N LEU B 23 19.85 7.44 7.04
CA LEU B 23 19.65 8.05 5.75
C LEU B 23 20.09 9.51 5.73
N GLN B 24 21.12 9.79 4.95
CA GLN B 24 21.69 11.11 4.84
C GLN B 24 20.92 11.94 3.83
N PHE B 25 19.64 12.18 4.12
CA PHE B 25 18.77 12.90 3.19
C PHE B 25 19.23 14.33 2.96
N ASN B 26 20.05 14.84 3.87
CA ASN B 26 20.62 16.17 3.76
C ASN B 26 21.40 16.36 2.45
N MET B 27 22.03 15.28 1.97
CA MET B 27 22.87 15.31 0.77
C MET B 27 22.12 15.67 -0.51
N PHE B 28 20.79 15.56 -0.48
CA PHE B 28 20.00 15.80 -1.68
C PHE B 28 19.52 17.24 -1.77
N SER B 29 19.29 17.71 -2.99
CA SER B 29 18.67 19.00 -3.18
C SER B 29 17.21 18.91 -2.77
N LEU B 30 16.62 20.06 -2.47
CA LEU B 30 15.22 20.12 -2.14
C LEU B 30 14.34 19.55 -3.27
N PRO B 31 14.62 19.90 -4.54
CA PRO B 31 13.82 19.28 -5.61
C PRO B 31 13.88 17.76 -5.68
N GLU B 32 15.04 17.17 -5.44
CA GLU B 32 15.17 15.72 -5.47
C GLU B 32 14.38 15.08 -4.32
N LEU B 33 14.38 15.74 -3.16
CA LEU B 33 13.65 15.26 -1.99
C LEU B 33 12.16 15.39 -2.19
N GLU B 34 11.74 16.39 -2.95
CA GLU B 34 10.34 16.53 -3.28
C GLU B 34 9.98 15.45 -4.31
N GLY B 35 10.99 15.09 -5.11
CA GLY B 35 10.85 14.01 -6.07
C GLY B 35 10.60 12.71 -5.34
N PHE B 36 11.48 12.40 -4.40
CA PHE B 36 11.38 11.18 -3.62
C PHE B 36 10.02 11.10 -2.95
N ASP B 37 9.62 12.20 -2.30
CA ASP B 37 8.36 12.25 -1.58
C ASP B 37 7.18 11.87 -2.49
N SER B 38 7.10 12.50 -3.65
CA SER B 38 6.01 12.27 -4.58
C SER B 38 6.02 10.85 -5.15
N MET B 39 7.20 10.23 -5.20
CA MET B 39 7.32 8.86 -5.69
C MET B 39 6.78 7.85 -4.69
N LEU B 40 7.08 8.06 -3.41
CA LEU B 40 6.49 7.26 -2.34
C LEU B 40 4.99 7.29 -2.47
N VAL B 41 4.45 8.47 -2.71
CA VAL B 41 3.00 8.62 -2.83
C VAL B 41 2.43 7.80 -4.01
N ARG B 42 3.15 7.76 -5.11
CA ARG B 42 2.77 6.89 -6.22
C ARG B 42 2.80 5.43 -5.77
N LEU B 43 3.85 5.06 -5.03
CA LEU B 43 3.99 3.70 -4.52
C LEU B 43 2.79 3.27 -3.64
N PHE B 44 2.38 4.18 -2.76
CA PHE B 44 1.16 4.06 -1.99
C PHE B 44 -0.03 3.72 -2.87
N LYS B 45 -0.27 4.58 -3.85
CA LYS B 45 -1.41 4.43 -4.75
C LYS B 45 -1.38 3.10 -5.51
N GLN B 46 -0.22 2.70 -6.03
CA GLN B 46 -0.04 1.38 -6.62
C GLN B 46 -0.51 0.28 -5.68
N GLU B 47 0.11 0.21 -4.50
CA GLU B 47 -0.22 -0.80 -3.53
C GLU B 47 -1.69 -0.71 -3.13
N LEU B 48 -2.22 0.50 -3.07
CA LEU B 48 -3.63 0.69 -2.76
C LEU B 48 -4.53 0.09 -3.84
N GLY B 49 -4.16 0.28 -5.09
CA GLY B 49 -4.98 -0.16 -6.20
C GLY B 49 -4.94 -1.67 -6.30
N THR B 50 -3.84 -2.24 -5.86
CA THR B 50 -3.68 -3.67 -5.81
C THR B 50 -4.59 -4.25 -4.74
N ILE B 51 -4.51 -3.66 -3.56
CA ILE B 51 -5.36 -4.07 -2.45
C ILE B 51 -6.82 -3.97 -2.84
N VAL B 52 -7.20 -2.83 -3.37
CA VAL B 52 -8.59 -2.58 -3.64
C VAL B 52 -9.07 -3.40 -4.84
N GLY B 53 -8.15 -3.80 -5.72
CA GLY B 53 -8.50 -4.61 -6.86
C GLY B 53 -8.73 -6.06 -6.47
N PHE B 54 -7.90 -6.54 -5.56
CA PHE B 54 -8.05 -7.89 -5.05
C PHE B 54 -9.43 -8.07 -4.45
N TYR B 55 -9.80 -7.16 -3.56
CA TYR B 55 -11.11 -7.23 -2.91
C TYR B 55 -12.28 -7.05 -3.89
N GLU B 56 -12.05 -6.46 -5.06
CA GLU B 56 -13.07 -6.44 -6.11
C GLU B 56 -13.39 -7.86 -6.56
N ARG B 57 -12.35 -8.52 -7.07
CA ARG B 57 -12.43 -9.90 -7.53
C ARG B 57 -12.95 -10.85 -6.45
N TYR B 58 -12.33 -10.79 -5.26
CA TYR B 58 -12.73 -11.64 -4.13
C TYR B 58 -14.22 -11.52 -3.86
N ARG B 59 -14.72 -10.30 -3.72
CA ARG B 59 -16.14 -10.08 -3.53
C ARG B 59 -16.92 -10.68 -4.70
N ARG B 60 -16.47 -10.44 -5.91
CA ARG B 60 -17.20 -10.93 -7.08
C ARG B 60 -17.15 -12.45 -7.16
N ALA B 61 -16.01 -13.02 -6.78
CA ALA B 61 -15.88 -14.47 -6.72
C ALA B 61 -16.90 -15.08 -5.75
N LEU B 62 -17.04 -14.47 -4.59
CA LEU B 62 -17.97 -14.94 -3.57
C LEU B 62 -19.41 -14.93 -4.03
N ILE B 63 -19.85 -13.82 -4.60
CA ILE B 63 -21.24 -13.67 -5.02
C ILE B 63 -21.56 -14.60 -6.18
N LEU B 64 -20.60 -14.79 -7.07
CA LEU B 64 -20.74 -15.72 -8.18
C LEU B 64 -20.95 -17.15 -7.65
N GLU B 65 -20.20 -17.48 -6.61
CA GLU B 65 -20.24 -18.82 -6.04
C GLU B 65 -21.58 -19.06 -5.34
N LYS B 66 -22.12 -18.04 -4.67
CA LYS B 66 -23.41 -18.15 -4.00
C LYS B 66 -24.54 -18.42 -4.98
N ASN B 67 -24.59 -17.62 -6.04
CA ASN B 67 -25.59 -17.78 -7.07
C ASN B 67 -25.55 -19.17 -7.70
N ARG B 68 -24.33 -19.66 -7.91
CA ARG B 68 -24.11 -20.95 -8.53
C ARG B 68 -24.86 -22.04 -7.78
N ARG B 69 -24.70 -22.04 -6.47
CA ARG B 69 -25.37 -23.00 -5.60
C ARG B 69 -26.89 -22.88 -5.65
N ALA B 70 -27.37 -21.70 -6.03
CA ALA B 70 -28.81 -21.46 -6.10
C ALA B 70 -29.30 -21.58 -7.54
C1 MPD C . -7.15 -12.66 2.94
C2 MPD C . -8.62 -12.99 3.16
O2 MPD C . -8.71 -13.75 4.40
CM MPD C . -9.45 -11.71 3.31
C3 MPD C . -9.16 -13.79 1.99
C4 MPD C . -8.34 -15.06 1.74
O4 MPD C . -8.88 -16.18 2.43
C5 MPD C . -8.25 -15.33 0.24
C1 MPD D . -0.27 7.50 2.97
C2 MPD D . 0.45 8.77 2.56
O2 MPD D . 1.53 8.98 3.50
CM MPD D . 1.03 8.62 1.15
C3 MPD D . -0.48 9.97 2.60
C4 MPD D . -1.79 9.70 1.89
O4 MPD D . -2.78 9.37 2.84
C5 MPD D . -2.23 10.92 1.09
C1 MPD E . 3.69 11.91 5.61
C2 MPD E . 3.56 13.03 6.64
O2 MPD E . 2.21 13.05 7.14
CM MPD E . 4.50 12.75 7.81
C3 MPD E . 3.90 14.37 5.99
C4 MPD E . 2.76 14.83 5.10
O4 MPD E . 1.52 14.47 5.66
C5 MPD E . 2.79 16.34 4.88
NI NI F . 13.38 11.41 -18.74
C1 MPD G . 25.70 8.26 2.35
C2 MPD G . 24.62 7.48 1.60
O2 MPD G . 24.28 8.22 0.39
CM MPD G . 25.19 6.13 1.17
C3 MPD G . 23.37 7.31 2.44
C4 MPD G . 22.30 8.35 2.15
O4 MPD G . 22.88 9.46 1.54
C5 MPD G . 21.21 7.81 1.24
#